data_6EUB
#
_entry.id   6EUB
#
_cell.length_a   133.020
_cell.length_b   133.770
_cell.length_c   39.630
_cell.angle_alpha   90.000
_cell.angle_beta   90.000
_cell.angle_gamma   90.000
#
_symmetry.space_group_name_H-M   'C 2 2 21'
#
loop_
_entity.id
_entity.type
_entity.pdbx_description
1 polymer 'Angiopoietin-related protein 4'
2 non-polymer 'PENTAETHYLENE GLYCOL'
3 water water
#
_entity_poly.entity_id   1
_entity_poly.type   'polypeptide(L)'
_entity_poly.pdbx_seq_one_letter_code
;MHHHHHHMLPRDCQELFQVGERQSGLFEIQPQGSPPFLVNCKMTSDGGWTVIQRRHDGSVDFNRPWEAYKAGFGDPHGEF
WLGLEKVHSITGDRNSRLAVQLRDWDGNAELLQFSVHLGGEDTAYSLQLTAPVAGQLGATTVPPSGLSVPFSTWDQDHDL
RRDKNCAKSLSGGWWFGTCSHSNLNGQYFRSIPQQRQKLKKGIFWKTWRGRYYPLQATTMLIQPMAAEAAS
;
_entity_poly.pdbx_strand_id   A
#
loop_
_chem_comp.id
_chem_comp.type
_chem_comp.name
_chem_comp.formula
1PE non-polymer 'PENTAETHYLENE GLYCOL' 'C10 H22 O6'
#
# COMPACT_ATOMS: atom_id res chain seq x y z
N LEU A 9 -24.22 -2.43 -10.98
CA LEU A 9 -22.79 -2.12 -10.88
C LEU A 9 -21.98 -3.29 -10.31
N PRO A 10 -20.78 -3.51 -10.84
CA PRO A 10 -19.93 -4.58 -10.31
C PRO A 10 -19.44 -4.26 -8.91
N ARG A 11 -19.20 -5.31 -8.13
CA ARG A 11 -18.74 -5.11 -6.76
C ARG A 11 -17.27 -4.70 -6.69
N ASP A 12 -16.44 -5.21 -7.60
CA ASP A 12 -14.99 -4.98 -7.56
C ASP A 12 -14.41 -5.37 -8.92
N CYS A 13 -13.09 -5.22 -9.05
CA CYS A 13 -12.45 -5.47 -10.33
C CYS A 13 -12.57 -6.93 -10.76
N GLN A 14 -12.51 -7.84 -9.79
CA GLN A 14 -12.59 -9.26 -10.11
C GLN A 14 -13.95 -9.59 -10.74
N GLU A 15 -15.01 -8.97 -10.22
CA GLU A 15 -16.32 -9.11 -10.85
C GLU A 15 -16.30 -8.54 -12.27
N LEU A 16 -15.61 -7.42 -12.47
CA LEU A 16 -15.48 -6.87 -13.82
C LEU A 16 -14.78 -7.86 -14.74
N PHE A 17 -13.67 -8.43 -14.28
CA PHE A 17 -12.95 -9.43 -15.07
C PHE A 17 -13.86 -10.61 -15.40
N GLN A 18 -14.72 -10.99 -14.46
CA GLN A 18 -15.50 -12.21 -14.62
C GLN A 18 -16.67 -12.07 -15.57
N VAL A 19 -17.08 -10.84 -15.91
CA VAL A 19 -18.08 -10.68 -16.95
C VAL A 19 -17.47 -10.41 -18.32
N GLY A 20 -16.15 -10.29 -18.40
CA GLY A 20 -15.45 -10.21 -19.67
C GLY A 20 -14.76 -8.90 -19.95
N GLU A 21 -14.53 -8.06 -18.94
CA GLU A 21 -13.83 -6.81 -19.16
C GLU A 21 -12.33 -7.08 -19.27
N ARG A 22 -11.72 -6.64 -20.37
CA ARG A 22 -10.34 -6.99 -20.70
C ARG A 22 -9.37 -5.85 -20.46
N GLN A 23 -9.87 -4.62 -20.48
CA GLN A 23 -9.05 -3.43 -20.47
C GLN A 23 -8.69 -3.06 -19.05
N SER A 24 -7.46 -2.55 -18.86
CA SER A 24 -7.04 -2.03 -17.56
C SER A 24 -7.25 -0.52 -17.53
N GLY A 25 -7.97 -0.05 -16.54
CA GLY A 25 -8.25 1.38 -16.48
C GLY A 25 -9.25 1.68 -15.41
N LEU A 26 -10.01 2.75 -15.65
CA LEU A 26 -10.95 3.27 -14.68
C LEU A 26 -12.33 2.70 -14.90
N PHE A 27 -12.93 2.14 -13.85
CA PHE A 27 -14.26 1.56 -13.89
C PHE A 27 -15.02 1.93 -12.62
N GLU A 28 -16.34 2.02 -12.76
CA GLU A 28 -17.24 2.32 -11.66
C GLU A 28 -17.62 1.03 -10.95
N ILE A 29 -17.35 0.94 -9.66
CA ILE A 29 -17.74 -0.24 -8.88
C ILE A 29 -18.53 0.21 -7.67
N GLN A 30 -19.13 -0.76 -7.00
CA GLN A 30 -19.88 -0.50 -5.78
C GLN A 30 -19.83 -1.74 -4.91
N PRO A 31 -18.87 -1.81 -3.99
CA PRO A 31 -18.84 -2.92 -3.02
C PRO A 31 -20.05 -2.86 -2.10
N GLN A 32 -20.18 -3.88 -1.26
CA GLN A 32 -21.22 -3.88 -0.23
C GLN A 32 -21.00 -2.73 0.74
N GLY A 33 -22.10 -2.09 1.14
CA GLY A 33 -22.08 -1.03 2.14
C GLY A 33 -21.26 0.17 1.72
N SER A 34 -20.95 0.26 0.44
CA SER A 34 -20.22 1.40 -0.07
C SER A 34 -21.07 2.18 -1.07
N PRO A 35 -20.83 3.47 -1.20
CA PRO A 35 -21.32 4.20 -2.37
C PRO A 35 -20.51 3.83 -3.58
N PRO A 36 -20.97 4.14 -4.80
CA PRO A 36 -20.17 3.82 -5.97
C PRO A 36 -18.96 4.73 -6.04
N PHE A 37 -17.85 4.18 -6.55
CA PHE A 37 -16.67 5.00 -6.82
C PHE A 37 -15.90 4.40 -7.99
N LEU A 38 -14.97 5.18 -8.50
CA LEU A 38 -14.19 4.87 -9.68
C LEU A 38 -12.84 4.28 -9.26
N VAL A 39 -12.59 3.01 -9.65
CA VAL A 39 -11.33 2.33 -9.33
C VAL A 39 -10.46 2.21 -10.57
N ASN A 40 -9.17 2.02 -10.31
CA ASN A 40 -8.23 1.53 -11.32
C ASN A 40 -8.19 0.00 -11.24
N CYS A 41 -8.62 -0.67 -12.30
CA CYS A 41 -8.53 -2.12 -12.43
C CYS A 41 -7.35 -2.49 -13.31
N LYS A 42 -6.64 -3.55 -12.93
CA LYS A 42 -5.64 -4.18 -13.79
C LYS A 42 -6.08 -5.59 -14.11
N MET A 43 -6.27 -5.87 -15.39
CA MET A 43 -6.74 -7.16 -15.87
C MET A 43 -5.53 -7.97 -16.32
N THR A 44 -5.33 -9.14 -15.68
CA THR A 44 -4.16 -9.99 -15.90
C THR A 44 -4.61 -11.43 -16.11
N SER A 45 -3.65 -12.29 -16.52
CA SER A 45 -3.92 -13.73 -16.53
C SER A 45 -4.56 -14.19 -15.22
N ASP A 46 -4.15 -13.59 -14.11
CA ASP A 46 -4.64 -13.91 -12.78
C ASP A 46 -6.01 -13.34 -12.47
N GLY A 47 -6.67 -12.69 -13.41
CA GLY A 47 -7.95 -12.06 -13.12
C GLY A 47 -7.82 -10.57 -12.83
N GLY A 48 -8.78 -10.06 -12.06
CA GLY A 48 -8.89 -8.64 -11.81
C GLY A 48 -8.17 -8.23 -10.55
N TRP A 49 -7.24 -7.29 -10.68
CA TRP A 49 -6.56 -6.67 -9.56
C TRP A 49 -7.04 -5.23 -9.41
N THR A 50 -7.12 -4.76 -8.16
CA THR A 50 -7.45 -3.37 -7.87
C THR A 50 -6.14 -2.64 -7.59
N VAL A 51 -5.85 -1.59 -8.36
CA VAL A 51 -4.65 -0.80 -8.10
C VAL A 51 -4.94 0.14 -6.93
N ILE A 52 -4.20 0.01 -5.84
CA ILE A 52 -4.47 0.81 -4.65
C ILE A 52 -3.45 1.89 -4.44
N GLN A 53 -2.35 1.86 -5.18
CA GLN A 53 -1.26 2.81 -5.05
C GLN A 53 -0.43 2.73 -6.32
N ARG A 54 0.04 3.88 -6.78
CA ARG A 54 0.89 3.93 -7.96
C ARG A 54 1.77 5.18 -7.90
N ARG A 55 3.08 5.00 -8.07
CA ARG A 55 4.00 6.13 -8.04
C ARG A 55 5.06 5.98 -9.13
N HIS A 56 5.42 7.10 -9.77
CA HIS A 56 6.30 7.02 -10.93
C HIS A 56 7.02 8.32 -11.31
N ASP A 57 6.63 9.47 -10.75
CA ASP A 57 7.32 10.71 -11.13
C ASP A 57 7.42 11.76 -10.05
N GLY A 58 6.90 11.55 -8.85
CA GLY A 58 6.94 12.58 -7.84
C GLY A 58 6.01 13.76 -8.09
N SER A 59 4.97 13.61 -8.91
CA SER A 59 4.11 14.76 -9.18
C SER A 59 3.02 14.94 -8.13
N VAL A 60 2.82 13.99 -7.24
CA VAL A 60 1.76 14.05 -6.23
C VAL A 60 2.37 13.95 -4.84
N ASP A 61 2.01 14.90 -3.98
CA ASP A 61 2.50 14.96 -2.60
C ASP A 61 1.84 13.83 -1.83
N PHE A 62 2.65 12.96 -1.22
CA PHE A 62 2.12 11.88 -0.40
C PHE A 62 2.21 12.19 1.09
N ASN A 63 2.74 13.35 1.47
CA ASN A 63 2.90 13.69 2.88
C ASN A 63 1.62 14.35 3.43
N ARG A 64 0.60 13.52 3.63
CA ARG A 64 -0.77 13.87 3.93
C ARG A 64 -1.22 13.29 5.26
N PRO A 65 -2.19 13.89 5.91
CA PRO A 65 -2.61 13.44 7.25
C PRO A 65 -3.55 12.24 7.18
N TRP A 66 -3.94 11.76 8.37
CA TRP A 66 -4.80 10.57 8.47
C TRP A 66 -6.00 10.63 7.53
N GLU A 67 -6.75 11.74 7.55
CA GLU A 67 -7.99 11.78 6.79
C GLU A 67 -7.76 11.66 5.29
N ALA A 68 -6.62 12.14 4.80
CA ALA A 68 -6.38 11.99 3.38
C ALA A 68 -6.03 10.55 3.03
N TYR A 69 -5.44 9.80 3.96
CA TYR A 69 -5.08 8.42 3.64
C TYR A 69 -6.29 7.49 3.74
N LYS A 70 -7.29 7.91 4.51
CA LYS A 70 -8.56 7.18 4.55
C LYS A 70 -9.37 7.39 3.29
N ALA A 71 -9.56 8.65 2.89
CA ALA A 71 -10.41 8.97 1.75
C ALA A 71 -9.74 8.71 0.41
N GLY A 72 -8.41 8.80 0.34
CA GLY A 72 -7.69 8.74 -0.90
C GLY A 72 -7.35 10.11 -1.48
N PHE A 73 -6.31 10.14 -2.32
CA PHE A 73 -5.82 11.38 -2.90
C PHE A 73 -4.95 11.07 -4.11
N GLY A 74 -4.72 12.08 -4.94
CA GLY A 74 -3.88 11.98 -6.12
C GLY A 74 -4.68 12.02 -7.40
N ASP A 75 -3.97 11.81 -8.50
CA ASP A 75 -4.56 11.77 -9.84
C ASP A 75 -4.85 10.33 -10.24
N PRO A 76 -6.09 9.97 -10.58
CA PRO A 76 -6.37 8.58 -10.99
C PRO A 76 -5.84 8.24 -12.37
N HIS A 77 -5.38 9.22 -13.13
CA HIS A 77 -4.66 8.99 -14.37
C HIS A 77 -3.14 9.10 -14.16
N GLY A 78 -2.70 9.22 -12.92
CA GLY A 78 -1.29 9.41 -12.62
C GLY A 78 -0.94 8.79 -11.29
N GLU A 79 -0.14 9.48 -10.48
CA GLU A 79 0.13 8.96 -9.14
C GLU A 79 -1.08 9.11 -8.24
N PHE A 80 -1.31 8.12 -7.40
CA PHE A 80 -2.43 8.22 -6.47
C PHE A 80 -2.27 7.23 -5.33
N TRP A 81 -3.13 7.44 -4.33
CA TRP A 81 -3.43 6.55 -3.23
C TRP A 81 -4.95 6.40 -3.22
N LEU A 82 -5.44 5.17 -3.24
CA LEU A 82 -6.87 4.96 -3.43
C LEU A 82 -7.67 5.29 -2.17
N GLY A 83 -7.16 4.92 -1.01
CA GLY A 83 -7.91 5.24 0.19
C GLY A 83 -8.23 4.01 0.99
N LEU A 84 -7.84 4.01 2.27
CA LEU A 84 -8.03 2.84 3.12
C LEU A 84 -9.49 2.43 3.23
N GLU A 85 -10.45 3.38 3.34
CA GLU A 85 -11.83 2.93 3.48
C GLU A 85 -12.38 2.39 2.17
N LYS A 86 -11.86 2.85 1.04
CA LYS A 86 -12.25 2.23 -0.21
C LYS A 86 -11.63 0.84 -0.36
N VAL A 87 -10.35 0.71 -0.04
CA VAL A 87 -9.71 -0.61 -0.10
C VAL A 87 -10.41 -1.58 0.84
N HIS A 88 -10.71 -1.14 2.06
CA HIS A 88 -11.35 -2.06 2.99
C HIS A 88 -12.81 -2.35 2.63
N SER A 89 -13.48 -1.44 1.93
CA SER A 89 -14.78 -1.81 1.42
C SER A 89 -14.65 -2.89 0.35
N ILE A 90 -13.53 -2.92 -0.37
CA ILE A 90 -13.34 -3.93 -1.40
C ILE A 90 -12.97 -5.26 -0.76
N THR A 91 -11.94 -5.29 0.09
CA THR A 91 -11.53 -6.57 0.67
C THR A 91 -12.53 -7.11 1.69
N GLY A 92 -13.25 -6.24 2.39
CA GLY A 92 -13.99 -6.70 3.56
C GLY A 92 -13.05 -7.40 4.50
N ASP A 93 -13.55 -8.43 5.16
CA ASP A 93 -12.73 -9.30 5.99
C ASP A 93 -12.23 -10.54 5.23
N ARG A 94 -12.17 -10.50 3.91
CA ARG A 94 -11.72 -11.66 3.15
C ARG A 94 -10.19 -11.69 3.05
N ASN A 95 -9.62 -12.88 3.17
CA ASN A 95 -8.22 -13.06 2.81
C ASN A 95 -7.98 -12.49 1.41
N SER A 96 -6.90 -11.71 1.26
CA SER A 96 -6.58 -11.01 0.02
C SER A 96 -5.12 -11.22 -0.34
N ARG A 97 -4.85 -11.29 -1.65
CA ARG A 97 -3.48 -11.20 -2.16
C ARG A 97 -3.10 -9.74 -2.38
N LEU A 98 -1.98 -9.34 -1.79
CA LEU A 98 -1.40 -8.03 -2.01
C LEU A 98 -0.15 -8.17 -2.87
N ALA A 99 -0.12 -7.44 -3.98
CA ALA A 99 1.00 -7.45 -4.91
C ALA A 99 1.75 -6.14 -4.77
N VAL A 100 3.07 -6.20 -4.73
CA VAL A 100 3.89 -5.01 -4.58
C VAL A 100 4.93 -5.03 -5.68
N GLN A 101 4.92 -4.02 -6.54
CA GLN A 101 5.83 -3.95 -7.67
C GLN A 101 6.74 -2.74 -7.53
N LEU A 102 8.05 -2.98 -7.49
CA LEU A 102 9.08 -1.97 -7.33
C LEU A 102 9.87 -1.81 -8.61
N ARG A 103 10.44 -0.63 -8.79
CA ARG A 103 11.27 -0.37 -9.95
C ARG A 103 12.40 0.55 -9.54
N ASP A 104 13.63 0.17 -9.88
CA ASP A 104 14.79 0.96 -9.54
C ASP A 104 15.17 1.84 -10.71
N TRP A 105 16.23 2.61 -10.55
CA TRP A 105 16.60 3.59 -11.56
C TRP A 105 17.42 2.98 -12.70
N ASP A 106 17.56 1.66 -12.74
CA ASP A 106 18.20 0.99 -13.85
C ASP A 106 17.20 0.21 -14.70
N GLY A 107 15.91 0.32 -14.41
CA GLY A 107 14.88 -0.38 -15.15
C GLY A 107 14.53 -1.75 -14.62
N ASN A 108 15.29 -2.26 -13.65
CA ASN A 108 14.96 -3.51 -12.99
C ASN A 108 13.64 -3.39 -12.23
N ALA A 109 12.96 -4.52 -12.10
CA ALA A 109 11.69 -4.58 -11.42
C ALA A 109 11.69 -5.74 -10.45
N GLU A 110 10.90 -5.60 -9.39
CA GLU A 110 10.79 -6.60 -8.34
C GLU A 110 9.32 -6.76 -7.99
N LEU A 111 8.80 -7.98 -8.16
CA LEU A 111 7.38 -8.27 -7.96
C LEU A 111 7.20 -9.17 -6.75
N LEU A 112 6.49 -8.67 -5.75
CA LEU A 112 6.26 -9.42 -4.52
C LEU A 112 4.79 -9.67 -4.33
N GLN A 113 4.47 -10.74 -3.61
CA GLN A 113 3.08 -11.05 -3.33
C GLN A 113 2.96 -11.65 -1.94
N PHE A 114 1.93 -11.20 -1.21
CA PHE A 114 1.66 -11.66 0.15
C PHE A 114 0.17 -11.80 0.29
N SER A 115 -0.28 -12.84 0.97
CA SER A 115 -1.68 -12.94 1.35
C SER A 115 -1.87 -12.23 2.71
N VAL A 116 -2.84 -11.32 2.78
CA VAL A 116 -3.11 -10.48 3.97
C VAL A 116 -4.60 -10.49 4.28
N HIS A 117 -4.92 -10.00 5.47
CA HIS A 117 -6.25 -9.47 5.80
C HIS A 117 -6.09 -8.02 6.22
N LEU A 118 -7.08 -7.20 5.87
CA LEU A 118 -7.06 -5.77 6.14
C LEU A 118 -8.25 -5.43 7.02
N GLY A 119 -7.98 -4.99 8.25
CA GLY A 119 -9.04 -4.53 9.12
C GLY A 119 -9.60 -3.18 8.68
N GLY A 120 -10.79 -2.88 9.17
CA GLY A 120 -11.39 -1.57 9.00
C GLY A 120 -10.84 -0.52 9.95
N GLU A 121 -11.55 0.62 10.03
CA GLU A 121 -11.06 1.76 10.81
C GLU A 121 -11.03 1.47 12.31
N ASP A 122 -11.91 0.59 12.80
CA ASP A 122 -11.86 0.17 14.20
C ASP A 122 -10.50 -0.43 14.56
N THR A 123 -9.77 -0.97 13.57
CA THR A 123 -8.41 -1.49 13.77
C THR A 123 -7.34 -0.51 13.29
N ALA A 124 -7.72 0.71 12.92
CA ALA A 124 -6.82 1.63 12.22
C ALA A 124 -6.24 0.98 10.98
N TYR A 125 -7.10 0.29 10.23
CA TYR A 125 -6.73 -0.30 8.94
C TYR A 125 -5.50 -1.19 9.08
N SER A 126 -5.49 -2.01 10.11
CA SER A 126 -4.36 -2.92 10.34
C SER A 126 -4.27 -3.98 9.25
N LEU A 127 -3.04 -4.27 8.85
CA LEU A 127 -2.72 -5.45 8.08
C LEU A 127 -2.56 -6.61 9.04
N GLN A 128 -3.33 -7.67 8.84
CA GLN A 128 -3.22 -8.88 9.64
CA GLN A 128 -3.22 -8.89 9.64
C GLN A 128 -2.41 -9.92 8.85
N LEU A 129 -1.26 -10.30 9.39
CA LEU A 129 -0.30 -11.21 8.79
C LEU A 129 -0.16 -12.49 9.60
N THR A 130 -0.31 -13.65 8.93
CA THR A 130 0.07 -14.90 9.58
C THR A 130 1.58 -14.93 9.82
N ALA A 131 2.00 -15.84 10.70
CA ALA A 131 3.43 -16.01 10.94
C ALA A 131 4.23 -16.33 9.67
N PRO A 132 3.79 -17.24 8.76
CA PRO A 132 4.61 -17.46 7.54
C PRO A 132 4.77 -16.19 6.72
N VAL A 133 3.70 -15.42 6.52
CA VAL A 133 3.80 -14.21 5.69
C VAL A 133 4.67 -13.15 6.37
N ALA A 134 4.51 -12.97 7.69
CA ALA A 134 5.41 -12.07 8.41
C ALA A 134 6.85 -12.58 8.32
N GLY A 135 7.03 -13.90 8.29
CA GLY A 135 8.35 -14.44 7.99
C GLY A 135 8.85 -14.07 6.60
N GLN A 136 7.96 -14.11 5.60
CA GLN A 136 8.34 -13.65 4.26
C GLN A 136 8.83 -12.23 4.27
N LEU A 137 8.26 -11.38 5.12
CA LEU A 137 8.63 -9.97 5.13
C LEU A 137 9.85 -9.70 5.99
N GLY A 138 10.39 -10.72 6.66
CA GLY A 138 11.64 -10.55 7.36
C GLY A 138 11.53 -10.58 8.86
N ALA A 139 10.35 -10.83 9.40
CA ALA A 139 10.19 -11.00 10.85
C ALA A 139 10.68 -12.38 11.27
N THR A 140 11.72 -12.42 12.10
CA THR A 140 12.38 -13.68 12.44
C THR A 140 11.75 -14.41 13.63
N THR A 141 11.07 -13.68 14.52
CA THR A 141 10.39 -14.27 15.66
C THR A 141 8.99 -13.67 15.72
N VAL A 142 7.98 -14.51 15.49
CA VAL A 142 6.59 -14.08 15.47
C VAL A 142 5.76 -15.15 16.16
N PRO A 143 4.71 -14.79 16.89
CA PRO A 143 3.86 -15.80 17.50
C PRO A 143 3.14 -16.60 16.42
N PRO A 144 2.73 -17.84 16.72
CA PRO A 144 1.94 -18.58 15.72
C PRO A 144 0.65 -17.89 15.33
N SER A 145 0.12 -17.01 16.17
CA SER A 145 -1.08 -16.25 15.87
C SER A 145 -0.83 -15.07 14.95
N GLY A 146 0.43 -14.78 14.63
CA GLY A 146 0.71 -13.78 13.62
C GLY A 146 0.96 -12.37 14.13
N LEU A 147 0.67 -11.39 13.28
CA LEU A 147 1.06 -10.02 13.54
C LEU A 147 0.03 -9.09 12.93
N SER A 148 -0.40 -8.09 13.67
CA SER A 148 -1.16 -7.02 13.04
C SER A 148 -0.38 -5.72 13.18
N VAL A 149 -0.38 -4.96 12.10
CA VAL A 149 0.36 -3.71 12.01
C VAL A 149 -0.63 -2.64 11.62
N PRO A 150 -0.88 -1.65 12.47
CA PRO A 150 -1.82 -0.58 12.13
C PRO A 150 -1.20 0.35 11.12
N PHE A 151 -2.06 1.03 10.36
CA PHE A 151 -1.63 2.16 9.55
C PHE A 151 -1.30 3.36 10.44
N SER A 152 -0.31 4.15 10.01
CA SER A 152 0.09 5.35 10.75
C SER A 152 0.41 6.48 9.78
N THR A 153 -0.03 7.69 10.16
CA THR A 153 0.29 8.98 9.55
C THR A 153 0.90 9.88 10.62
N TRP A 154 1.41 11.05 10.21
CA TRP A 154 2.08 11.91 11.18
C TRP A 154 1.15 12.37 12.29
N ASP A 155 -0.13 12.62 12.00
CA ASP A 155 -1.07 13.04 13.03
C ASP A 155 -1.72 11.86 13.73
N GLN A 156 -1.43 10.64 13.30
CA GLN A 156 -2.02 9.50 13.97
C GLN A 156 -1.01 8.36 13.85
N ASP A 157 0.02 8.41 14.69
CA ASP A 157 1.13 7.47 14.62
C ASP A 157 1.04 6.47 15.78
N HIS A 158 1.26 5.21 15.50
CA HIS A 158 1.03 4.15 16.47
C HIS A 158 2.31 3.62 17.12
N ASP A 159 3.46 4.19 16.81
CA ASP A 159 4.68 3.92 17.56
C ASP A 159 4.43 4.17 19.05
N LEU A 160 4.53 3.10 19.84
CA LEU A 160 4.18 3.15 21.25
C LEU A 160 5.19 3.92 22.08
N ARG A 161 6.39 4.11 21.56
CA ARG A 161 7.41 4.84 22.31
C ARG A 161 6.98 6.29 22.48
N ARG A 162 6.94 6.73 23.72
CA ARG A 162 6.59 8.11 24.04
C ARG A 162 7.49 9.07 23.29
N ASP A 163 8.75 8.68 23.04
CA ASP A 163 9.73 9.58 22.42
C ASP A 163 9.50 9.75 20.93
N LYS A 164 9.01 8.72 20.25
CA LYS A 164 9.22 8.56 18.82
C LYS A 164 7.88 8.54 18.08
N ASN A 165 7.84 9.28 16.98
CA ASN A 165 6.71 9.29 16.04
C ASN A 165 7.29 8.85 14.70
N CYS A 166 7.01 7.63 14.29
CA CYS A 166 7.66 7.09 13.10
C CYS A 166 7.21 7.81 11.84
N ALA A 167 5.90 7.88 11.59
CA ALA A 167 5.40 8.58 10.41
C ALA A 167 5.94 10.01 10.31
N LYS A 168 6.04 10.70 11.45
CA LYS A 168 6.46 12.10 11.42
C LYS A 168 7.96 12.25 11.18
N SER A 169 8.76 11.28 11.65
CA SER A 169 10.19 11.38 11.36
C SER A 169 10.49 11.03 9.91
N LEU A 170 9.64 10.23 9.25
CA LEU A 170 9.83 9.92 7.83
C LEU A 170 8.93 10.80 6.96
N SER A 171 8.02 10.18 6.21
CA SER A 171 7.14 10.95 5.34
C SER A 171 5.96 10.05 4.98
N GLY A 172 4.78 10.64 4.79
CA GLY A 172 3.63 9.89 4.31
C GLY A 172 2.99 8.97 5.34
N GLY A 173 2.09 8.11 4.85
CA GLY A 173 1.42 7.12 5.68
C GLY A 173 1.83 5.71 5.25
N TRP A 174 1.89 4.81 6.22
CA TRP A 174 2.35 3.45 5.96
C TRP A 174 2.05 2.56 7.15
N TRP A 175 2.13 1.25 6.90
CA TRP A 175 2.13 0.23 7.94
C TRP A 175 3.55 0.09 8.45
N PHE A 176 3.91 0.97 9.37
CA PHE A 176 5.22 0.98 10.01
C PHE A 176 5.28 -0.05 11.12
N GLY A 177 5.48 -1.33 10.74
CA GLY A 177 5.82 -2.33 11.73
C GLY A 177 7.11 -1.99 12.47
N THR A 178 8.15 -1.66 11.72
CA THR A 178 9.30 -0.94 12.22
C THR A 178 9.40 0.35 11.43
N CYS A 179 10.44 1.11 11.73
CA CYS A 179 10.65 2.36 11.04
C CYS A 179 11.71 2.20 9.95
N SER A 180 12.13 0.96 9.67
CA SER A 180 13.16 0.77 8.66
C SER A 180 12.90 -0.43 7.76
N HIS A 181 11.67 -0.92 7.69
CA HIS A 181 11.38 -2.02 6.77
C HIS A 181 11.03 -1.51 5.38
N SER A 182 10.02 -0.65 5.29
CA SER A 182 9.64 -0.09 4.00
C SER A 182 8.82 1.16 4.21
N ASN A 183 8.60 1.87 3.10
CA ASN A 183 7.61 2.93 3.00
C ASN A 183 7.53 3.33 1.53
N LEU A 184 6.48 2.85 0.85
CA LEU A 184 6.30 3.19 -0.56
C LEU A 184 5.60 4.54 -0.71
N ASN A 185 5.21 5.16 0.40
CA ASN A 185 4.51 6.45 0.40
C ASN A 185 5.41 7.59 0.86
N GLY A 186 6.72 7.44 0.73
CA GLY A 186 7.65 8.45 1.18
C GLY A 186 7.84 9.58 0.18
N GLN A 187 8.81 10.42 0.49
CA GLN A 187 9.11 11.54 -0.38
C GLN A 187 9.78 11.01 -1.65
N TYR A 188 9.33 11.48 -2.80
CA TYR A 188 9.88 11.07 -4.08
C TYR A 188 11.18 11.82 -4.34
N PHE A 189 12.25 11.07 -4.67
CA PHE A 189 13.56 11.65 -5.01
C PHE A 189 14.04 11.11 -6.35
N ARG A 190 14.84 11.91 -7.05
CA ARG A 190 15.48 11.53 -8.30
C ARG A 190 16.96 11.18 -8.14
N SER A 191 17.76 12.06 -7.51
CA SER A 191 19.18 11.78 -7.26
C SER A 191 19.52 11.91 -5.78
N ILE A 192 20.81 11.87 -5.45
CA ILE A 192 21.29 11.79 -4.07
C ILE A 192 21.18 13.12 -3.32
N PRO A 193 20.43 13.17 -2.20
CA PRO A 193 20.45 14.38 -1.36
C PRO A 193 21.28 14.22 -0.09
N GLN A 194 21.73 15.35 0.46
CA GLN A 194 22.42 15.36 1.74
C GLN A 194 21.45 15.63 2.88
N ARG A 196 21.08 10.64 2.81
CA ARG A 196 21.26 10.35 4.23
C ARG A 196 20.01 10.89 4.98
N GLN A 197 20.09 12.04 5.67
CA GLN A 197 19.04 12.38 6.62
C GLN A 197 17.71 12.66 5.93
N LYS A 198 17.74 13.00 4.65
CA LYS A 198 16.50 13.05 3.89
C LYS A 198 16.23 11.78 3.09
N LEU A 199 17.24 10.94 2.84
CA LEU A 199 16.98 9.67 2.18
C LEU A 199 16.21 8.72 3.09
N LYS A 200 16.39 8.86 4.40
CA LYS A 200 15.50 8.22 5.37
C LYS A 200 14.04 8.38 5.00
N LYS A 201 13.67 9.56 4.49
CA LYS A 201 12.27 9.88 4.24
C LYS A 201 11.77 9.44 2.88
N GLY A 202 12.58 8.70 2.11
CA GLY A 202 12.23 8.41 0.74
C GLY A 202 11.34 7.20 0.57
N ILE A 203 11.18 6.80 -0.70
CA ILE A 203 10.43 5.61 -1.09
C ILE A 203 11.37 4.41 -1.04
N PHE A 204 11.12 3.47 -0.13
CA PHE A 204 12.12 2.43 0.02
C PHE A 204 11.49 1.11 0.43
N TRP A 205 12.26 0.04 0.20
CA TRP A 205 11.88 -1.32 0.55
C TRP A 205 13.20 -2.02 0.88
N LYS A 206 13.46 -2.19 2.18
CA LYS A 206 14.84 -2.44 2.61
C LYS A 206 15.44 -3.67 1.95
N THR A 207 14.70 -4.76 1.89
CA THR A 207 15.31 -6.01 1.49
C THR A 207 15.56 -6.10 -0.01
N TRP A 208 15.14 -5.13 -0.82
CA TRP A 208 15.53 -5.19 -2.22
C TRP A 208 16.76 -4.33 -2.49
N ARG A 209 16.62 -3.01 -2.52
CA ARG A 209 17.72 -2.16 -2.90
C ARG A 209 18.36 -1.43 -1.73
N GLY A 210 17.82 -1.56 -0.53
CA GLY A 210 18.45 -1.01 0.65
C GLY A 210 17.60 0.06 1.33
N ARG A 211 17.96 0.34 2.57
CA ARG A 211 17.19 1.29 3.37
C ARG A 211 17.19 2.68 2.76
N TYR A 212 18.35 3.12 2.28
CA TYR A 212 18.56 4.46 1.76
C TYR A 212 18.58 4.51 0.23
N TYR A 213 17.86 3.61 -0.45
CA TYR A 213 17.83 3.65 -1.91
C TYR A 213 16.45 4.10 -2.35
N PRO A 214 16.35 5.22 -3.06
CA PRO A 214 15.04 5.78 -3.44
C PRO A 214 14.48 5.18 -4.73
N LEU A 215 13.32 4.53 -4.64
CA LEU A 215 12.78 3.77 -5.76
C LEU A 215 12.26 4.69 -6.86
N GLN A 216 12.28 4.18 -8.09
CA GLN A 216 11.79 5.00 -9.19
C GLN A 216 10.30 4.90 -9.39
N ALA A 217 9.72 3.75 -9.10
CA ALA A 217 8.31 3.55 -9.33
C ALA A 217 7.84 2.43 -8.41
N THR A 218 6.59 2.55 -7.95
CA THR A 218 5.93 1.51 -7.18
C THR A 218 4.51 1.33 -7.70
N THR A 219 3.97 0.15 -7.47
CA THR A 219 2.54 -0.11 -7.60
C THR A 219 2.20 -1.08 -6.49
N MET A 220 1.04 -0.91 -5.91
CA MET A 220 0.47 -1.93 -5.06
C MET A 220 -0.90 -2.27 -5.63
N LEU A 221 -1.21 -3.57 -5.62
CA LEU A 221 -2.48 -4.09 -6.11
C LEU A 221 -3.00 -5.10 -5.11
N ILE A 222 -4.33 -5.26 -5.12
CA ILE A 222 -4.98 -6.19 -4.19
C ILE A 222 -6.02 -6.98 -4.94
N GLN A 223 -6.30 -8.16 -4.43
CA GLN A 223 -7.30 -9.02 -5.02
C GLN A 223 -7.74 -10.00 -3.94
N PRO A 224 -9.03 -10.02 -3.62
CA PRO A 224 -9.53 -10.96 -2.61
C PRO A 224 -9.28 -12.42 -2.97
N MET A 225 -9.35 -13.26 -1.93
CA MET A 225 -8.88 -14.66 -1.91
C MET A 225 -7.37 -14.68 -2.18
OH2 1PE B . 13.27 -3.58 10.19
C12 1PE B . 14.07 -4.76 10.32
C22 1PE B . 13.42 -5.81 9.41
OH3 1PE B . 12.00 -5.58 9.45
C13 1PE B . 9.78 -6.30 10.20
C23 1PE B . 11.26 -6.73 9.90
OH4 1PE B . 8.85 -6.98 9.32
C14 1PE B . 6.89 -5.51 9.39
C24 1PE B . 7.48 -6.89 9.77
OH5 1PE B . 5.80 -5.68 8.47
C15 1PE B . 4.49 -4.81 6.60
C25 1PE B . 5.51 -4.49 7.71
OH6 1PE B . 4.34 -3.66 5.76
C16 1PE B . 3.28 -4.52 3.78
C26 1PE B . 4.57 -3.97 4.38
OH7 1PE B . 2.87 -3.60 2.81
#